data_4CVH
#
_entry.id   4CVH
#
_cell.length_a   79.360
_cell.length_b   116.800
_cell.length_c   111.800
_cell.angle_alpha   90.00
_cell.angle_beta   90.00
_cell.angle_gamma   90.00
#
_symmetry.space_group_name_H-M   'C 2 2 21'
#
loop_
_entity.id
_entity.type
_entity.pdbx_description
1 polymer 'ISOPRENOID SYNTHASE DOMAIN-CONTAINING PROTEIN'
2 non-polymer 'MAGNESIUM ION'
3 non-polymer 1,2-ETHANEDIOL
4 non-polymer 'CHLORIDE ION'
5 water water
#
_entity_poly.entity_id   1
_entity_poly.type   'polypeptide(L)'
_entity_poly.pdbx_seq_one_letter_code
;SMHPQAVAAVLPAGGCGERMGVPTPKQFCPILERPLISYTLQALERVCWIKDIVVAVTGENMEVMKSIIQKYQHKRISLV
EAGVTRHRSIFNGLKALAEDQINSKLSKPEVVIIHDAVRPFVEEGVLLKVVTAAKEHGAAGAIRPLVSTVVSPSADGCLD
YSLERARHRASEMPQAFLFDVIYEAYQQCSDYDLEFGTECLQLALKYCCTKAKLVEGSPDLWKVTYKRDLYAAESIIKER
ISQEICVVMDTEEDNKHVGHLLEEVLKSELNHVKVTSEALGHAGRHLQQIILDQCYNFVCVNVTTSDFQETQKLLSMLEE
SSLCILYPVVVVSVHFLDFKLVPPSQKMENLMQIREFAKEVKERNILLYGLLISYPQDDQKLQESLRQGAIIIASLIKER
NSGLIGQLLIA
;
_entity_poly.pdbx_strand_id   A
#
loop_
_chem_comp.id
_chem_comp.type
_chem_comp.name
_chem_comp.formula
CL non-polymer 'CHLORIDE ION' 'Cl -1'
EDO non-polymer 1,2-ETHANEDIOL 'C2 H6 O2'
MG non-polymer 'MAGNESIUM ION' 'Mg 2'
#
# COMPACT_ATOMS: atom_id res chain seq x y z
N SER A 1 6.08 -15.25 -18.29
CA SER A 1 6.47 -14.61 -19.58
C SER A 1 5.34 -14.61 -20.61
N MET A 2 4.10 -14.57 -20.14
CA MET A 2 2.93 -14.66 -21.00
C MET A 2 2.00 -13.51 -20.70
N HIS A 3 2.60 -12.38 -20.32
CA HIS A 3 1.85 -11.24 -19.83
C HIS A 3 1.00 -10.64 -20.95
N PRO A 4 -0.20 -10.14 -20.61
CA PRO A 4 -0.94 -9.38 -21.60
C PRO A 4 -0.10 -8.29 -22.26
N GLN A 5 -0.31 -8.09 -23.55
CA GLN A 5 0.41 -7.10 -24.34
C GLN A 5 -0.51 -5.90 -24.55
N ALA A 6 0.10 -4.73 -24.73
CA ALA A 6 -0.62 -3.51 -25.08
C ALA A 6 -1.76 -3.20 -24.08
N VAL A 7 -1.38 -3.09 -22.81
CA VAL A 7 -2.31 -2.71 -21.76
C VAL A 7 -1.88 -1.39 -21.13
N ALA A 8 -2.87 -0.54 -20.88
CA ALA A 8 -2.70 0.69 -20.11
C ALA A 8 -3.86 0.82 -19.10
N ALA A 9 -3.74 1.78 -18.17
CA ALA A 9 -4.78 2.00 -17.15
C ALA A 9 -5.22 3.46 -17.11
N VAL A 10 -6.49 3.67 -16.74
CA VAL A 10 -7.01 5.02 -16.53
C VAL A 10 -7.65 5.11 -15.15
N LEU A 11 -7.21 6.09 -14.37
CA LEU A 11 -7.78 6.38 -13.05
C LEU A 11 -8.40 7.78 -13.01
N PRO A 12 -9.73 7.88 -12.89
CA PRO A 12 -10.31 9.17 -12.56
C PRO A 12 -10.07 9.49 -11.09
N ALA A 13 -9.30 10.54 -10.82
CA ALA A 13 -9.02 10.98 -9.45
C ALA A 13 -9.52 12.42 -9.20
N GLY A 14 -10.75 12.70 -9.63
CA GLY A 14 -11.33 14.05 -9.55
C GLY A 14 -12.34 14.25 -8.44
N PRO A 23 -19.29 11.82 1.81
CA PRO A 23 -18.29 12.86 2.11
C PRO A 23 -17.33 13.12 0.95
N THR A 24 -16.40 14.03 1.14
CA THR A 24 -15.47 14.40 0.07
C THR A 24 -14.51 13.26 -0.29
N PRO A 25 -14.22 13.08 -1.59
CA PRO A 25 -13.30 12.02 -1.97
C PRO A 25 -12.00 12.00 -1.15
N LYS A 26 -11.48 10.80 -0.92
CA LYS A 26 -10.39 10.63 0.02
C LYS A 26 -9.04 10.34 -0.64
N GLN A 27 -8.90 10.64 -1.93
CA GLN A 27 -7.69 10.21 -2.62
C GLN A 27 -6.43 10.91 -2.12
N PHE A 28 -6.58 12.08 -1.49
CA PHE A 28 -5.43 12.79 -0.95
C PHE A 28 -5.35 12.73 0.57
N CYS A 29 -6.23 11.94 1.19
CA CYS A 29 -6.17 11.78 2.63
C CYS A 29 -4.97 10.93 2.98
N PRO A 30 -4.22 11.33 4.01
CA PRO A 30 -3.02 10.63 4.36
C PRO A 30 -3.31 9.38 5.18
N ILE A 31 -2.51 8.36 4.94
CA ILE A 31 -2.39 7.20 5.81
C ILE A 31 -0.89 7.06 6.03
N LEU A 32 -0.47 7.12 7.29
CA LEU A 32 0.95 7.18 7.64
C LEU A 32 1.61 8.34 6.91
N GLU A 33 0.89 9.46 6.88
CA GLU A 33 1.32 10.70 6.22
C GLU A 33 1.49 10.58 4.70
N ARG A 34 1.04 9.50 4.10
CA ARG A 34 1.17 9.31 2.66
C ARG A 34 -0.22 9.27 2.07
N PRO A 35 -0.45 10.03 0.99
CA PRO A 35 -1.78 10.11 0.44
C PRO A 35 -2.20 8.79 -0.17
N LEU A 36 -3.49 8.52 -0.06
CA LEU A 36 -4.07 7.26 -0.44
C LEU A 36 -3.82 6.93 -1.91
N ILE A 37 -3.90 7.94 -2.77
CA ILE A 37 -3.70 7.70 -4.20
C ILE A 37 -2.32 7.12 -4.51
N SER A 38 -1.32 7.47 -3.70
CA SER A 38 0.02 6.97 -3.91
C SER A 38 0.09 5.47 -3.71
N TYR A 39 -0.71 4.94 -2.79
CA TYR A 39 -0.70 3.50 -2.54
C TYR A 39 -1.34 2.77 -3.71
N THR A 40 -2.36 3.37 -4.30
CA THR A 40 -3.00 2.76 -5.45
C THR A 40 -2.06 2.76 -6.66
N LEU A 41 -1.36 3.87 -6.89
CA LEU A 41 -0.43 3.94 -7.98
C LEU A 41 0.67 2.92 -7.82
N GLN A 42 1.21 2.80 -6.61
CA GLN A 42 2.19 1.76 -6.32
C GLN A 42 1.66 0.38 -6.71
N ALA A 43 0.46 0.04 -6.25
CA ALA A 43 -0.10 -1.28 -6.55
C ALA A 43 -0.21 -1.50 -8.07
N LEU A 44 -0.56 -0.46 -8.82
CA LEU A 44 -0.66 -0.62 -10.28
C LEU A 44 0.70 -0.68 -10.97
N GLU A 45 1.66 0.13 -10.53
CA GLU A 45 3.01 0.11 -11.08
C GLU A 45 3.75 -1.21 -10.89
N ARG A 46 3.45 -1.93 -9.82
CA ARG A 46 4.02 -3.27 -9.59
C ARG A 46 3.60 -4.28 -10.65
N VAL A 47 2.52 -4.01 -11.36
CA VAL A 47 2.10 -4.91 -12.43
C VAL A 47 2.87 -4.47 -13.65
N CYS A 48 3.88 -5.26 -14.04
CA CYS A 48 4.84 -4.83 -15.06
C CYS A 48 4.20 -4.57 -16.42
N TRP A 49 3.22 -5.40 -16.77
CA TRP A 49 2.57 -5.31 -18.08
C TRP A 49 1.58 -4.15 -18.25
N ILE A 50 1.34 -3.33 -17.23
CA ILE A 50 0.53 -2.14 -17.44
C ILE A 50 1.49 -1.05 -17.87
N LYS A 51 1.48 -0.75 -19.17
CA LYS A 51 2.53 0.05 -19.80
C LYS A 51 2.45 1.51 -19.37
N ASP A 52 1.23 2.05 -19.36
CA ASP A 52 0.97 3.45 -18.99
C ASP A 52 -0.21 3.53 -18.03
N ILE A 53 -0.10 4.47 -17.10
CA ILE A 53 -1.14 4.69 -16.12
C ILE A 53 -1.52 6.16 -16.26
N VAL A 54 -2.74 6.42 -16.74
CA VAL A 54 -3.19 7.77 -16.98
C VAL A 54 -4.11 8.18 -15.84
N VAL A 55 -3.74 9.26 -15.15
CA VAL A 55 -4.48 9.74 -13.99
C VAL A 55 -5.11 11.12 -14.23
N ALA A 56 -6.43 11.20 -14.07
CA ALA A 56 -7.17 12.45 -14.23
C ALA A 56 -7.29 13.19 -12.91
N VAL A 57 -6.74 14.39 -12.84
CA VAL A 57 -6.93 15.24 -11.66
C VAL A 57 -7.45 16.60 -12.09
N THR A 58 -8.11 17.28 -11.16
CA THR A 58 -8.60 18.63 -11.40
C THR A 58 -7.44 19.62 -11.33
N GLY A 59 -7.70 20.79 -11.93
CA GLY A 59 -6.70 21.84 -12.04
C GLY A 59 -6.19 22.33 -10.72
N GLU A 60 -7.10 22.57 -9.79
CA GLU A 60 -6.72 22.94 -8.44
C GLU A 60 -5.74 21.95 -7.81
N ASN A 61 -5.84 20.65 -8.15
CA ASN A 61 -4.98 19.60 -7.58
C ASN A 61 -3.80 19.16 -8.44
N MET A 62 -3.67 19.69 -9.65
CA MET A 62 -2.66 19.21 -10.57
C MET A 62 -1.26 19.31 -9.95
N GLU A 63 -1.03 20.36 -9.17
CA GLU A 63 0.27 20.59 -8.54
C GLU A 63 0.51 19.64 -7.38
N VAL A 64 -0.52 19.39 -6.57
CA VAL A 64 -0.39 18.38 -5.52
C VAL A 64 -0.01 17.02 -6.15
N MET A 65 -0.69 16.63 -7.22
CA MET A 65 -0.43 15.35 -7.85
C MET A 65 1.01 15.25 -8.36
N LYS A 66 1.45 16.28 -9.07
CA LYS A 66 2.82 16.31 -9.60
C LYS A 66 3.83 16.17 -8.47
N SER A 67 3.56 16.85 -7.36
CA SER A 67 4.43 16.79 -6.19
C SER A 67 4.45 15.38 -5.61
N ILE A 68 3.28 14.74 -5.60
CA ILE A 68 3.14 13.36 -5.15
C ILE A 68 3.92 12.42 -6.05
N ILE A 69 3.86 12.62 -7.37
CA ILE A 69 4.59 11.79 -8.32
C ILE A 69 6.09 11.89 -8.05
N GLN A 70 6.57 13.11 -7.86
CA GLN A 70 7.98 13.33 -7.55
C GLN A 70 8.34 12.72 -6.21
N LYS A 71 7.58 13.05 -5.16
CA LYS A 71 7.97 12.69 -3.82
C LYS A 71 8.17 11.18 -3.68
N TYR A 72 7.21 10.42 -4.17
CA TYR A 72 7.20 8.97 -4.03
C TYR A 72 7.76 8.22 -5.24
N GLN A 73 8.26 8.96 -6.23
CA GLN A 73 9.01 8.39 -7.37
C GLN A 73 8.17 7.46 -8.25
N HIS A 74 6.93 7.87 -8.51
CA HIS A 74 6.01 7.06 -9.31
C HIS A 74 6.38 7.09 -10.79
N LYS A 75 6.36 5.92 -11.42
CA LYS A 75 6.75 5.74 -12.80
C LYS A 75 5.54 5.42 -13.68
N ARG A 76 5.68 5.76 -14.96
CA ARG A 76 4.72 5.39 -16.00
C ARG A 76 3.40 6.15 -15.87
N ILE A 77 3.44 7.29 -15.19
CA ILE A 77 2.25 8.07 -14.92
C ILE A 77 2.22 9.25 -15.88
N SER A 78 1.08 9.38 -16.58
CA SER A 78 0.78 10.55 -17.40
C SER A 78 -0.47 11.17 -16.81
N LEU A 79 -0.45 12.48 -16.59
CA LEU A 79 -1.57 13.20 -16.00
C LEU A 79 -2.41 13.86 -17.08
N VAL A 80 -3.72 13.91 -16.87
CA VAL A 80 -4.61 14.68 -17.71
C VAL A 80 -5.61 15.39 -16.85
N GLU A 81 -6.27 16.39 -17.42
CA GLU A 81 -7.24 17.15 -16.68
C GLU A 81 -8.55 16.37 -16.56
N ALA A 82 -9.04 16.32 -15.33
CA ALA A 82 -10.33 15.69 -15.03
C ALA A 82 -11.43 16.61 -15.51
N GLY A 83 -12.56 16.03 -15.90
CA GLY A 83 -13.78 16.80 -16.16
C GLY A 83 -14.47 17.07 -14.83
N VAL A 84 -15.69 17.59 -14.90
CA VAL A 84 -16.47 17.81 -13.67
C VAL A 84 -17.14 16.50 -13.22
N THR A 85 -17.44 15.62 -14.17
CA THR A 85 -17.95 14.28 -13.86
C THR A 85 -16.96 13.17 -14.14
N ARG A 86 -17.25 11.99 -13.60
CA ARG A 86 -16.39 10.83 -13.70
C ARG A 86 -16.26 10.31 -15.15
N HIS A 87 -17.36 10.26 -15.89
CA HIS A 87 -17.28 9.83 -17.28
C HIS A 87 -16.44 10.78 -18.12
N ARG A 88 -16.46 12.06 -17.81
CA ARG A 88 -15.68 13.03 -18.57
C ARG A 88 -14.18 12.85 -18.30
N SER A 89 -13.85 12.61 -17.04
CA SER A 89 -12.47 12.30 -16.65
C SER A 89 -11.94 11.04 -17.34
N ILE A 90 -12.77 10.02 -17.44
CA ILE A 90 -12.33 8.77 -18.06
C ILE A 90 -12.13 8.98 -19.56
N PHE A 91 -13.06 9.71 -20.20
CA PHE A 91 -12.96 10.01 -21.64
C PHE A 91 -11.62 10.71 -21.93
N ASN A 92 -11.28 11.71 -21.13
CA ASN A 92 -10.02 12.44 -21.34
C ASN A 92 -8.81 11.50 -21.24
N GLY A 93 -8.87 10.55 -20.31
CA GLY A 93 -7.84 9.54 -20.17
C GLY A 93 -7.73 8.68 -21.40
N LEU A 94 -8.87 8.26 -21.95
CA LEU A 94 -8.89 7.47 -23.17
C LEU A 94 -8.39 8.29 -24.38
N LYS A 95 -8.81 9.56 -24.48
CA LYS A 95 -8.28 10.50 -25.50
C LYS A 95 -6.77 10.52 -25.51
N ALA A 96 -6.18 10.66 -24.33
CA ALA A 96 -4.73 10.73 -24.21
C ALA A 96 -4.04 9.45 -24.69
N LEU A 97 -4.77 8.33 -24.71
CA LEU A 97 -4.24 7.03 -25.10
C LEU A 97 -4.59 6.63 -26.56
N ALA A 98 -5.45 7.41 -27.20
CA ALA A 98 -6.03 7.03 -28.48
C ALA A 98 -5.03 7.01 -29.66
N GLU A 99 -3.96 7.79 -29.55
CA GLU A 99 -2.93 7.87 -30.59
C GLU A 99 -3.56 8.16 -31.96
N ASP A 100 -4.45 9.15 -31.98
CA ASP A 100 -5.18 9.53 -33.20
C ASP A 100 -5.03 11.02 -33.44
N GLN A 101 -3.87 11.56 -33.07
CA GLN A 101 -3.60 12.99 -33.20
C GLN A 101 -2.11 13.30 -33.29
N ILE A 102 -1.80 14.46 -33.89
CA ILE A 102 -0.44 15.02 -33.89
C ILE A 102 0.13 15.19 -32.47
N ASN A 103 -0.77 15.40 -31.52
CA ASN A 103 -0.43 15.68 -30.12
C ASN A 103 -0.18 14.43 -29.26
N SER A 104 -0.57 13.25 -29.76
CA SER A 104 -0.51 12.01 -28.98
C SER A 104 0.91 11.57 -28.58
N LYS A 105 1.07 11.26 -27.29
CA LYS A 105 2.39 10.95 -26.72
C LYS A 105 2.54 9.50 -26.24
N LEU A 106 1.57 8.64 -26.56
CA LEU A 106 1.44 7.31 -25.92
C LEU A 106 0.93 6.25 -26.89
N SER A 107 1.50 5.05 -26.82
CA SER A 107 1.05 3.91 -27.63
C SER A 107 -0.41 3.57 -27.34
N LYS A 108 -1.16 3.22 -28.37
CA LYS A 108 -2.55 2.88 -28.21
C LYS A 108 -2.65 1.46 -27.66
N PRO A 109 -3.32 1.28 -26.52
CA PRO A 109 -3.49 -0.07 -26.01
C PRO A 109 -4.53 -0.85 -26.79
N GLU A 110 -4.44 -2.16 -26.67
CA GLU A 110 -5.47 -3.08 -27.12
C GLU A 110 -6.53 -3.16 -26.02
N VAL A 111 -6.07 -3.28 -24.78
CA VAL A 111 -6.96 -3.35 -23.64
C VAL A 111 -6.65 -2.24 -22.65
N VAL A 112 -7.69 -1.56 -22.19
CA VAL A 112 -7.51 -0.54 -21.16
C VAL A 112 -8.24 -0.96 -19.89
N ILE A 113 -7.59 -0.69 -18.75
CA ILE A 113 -8.15 -0.89 -17.42
C ILE A 113 -8.65 0.44 -16.88
N ILE A 114 -9.84 0.42 -16.28
CA ILE A 114 -10.34 1.51 -15.49
C ILE A 114 -10.26 1.08 -14.01
N HIS A 115 -9.67 1.93 -13.17
CA HIS A 115 -9.62 1.70 -11.73
C HIS A 115 -9.95 3.02 -11.02
N ASP A 116 -10.14 3.00 -9.70
CA ASP A 116 -10.41 4.20 -8.92
C ASP A 116 -9.21 4.44 -8.02
N ALA A 117 -8.90 5.70 -7.81
CA ALA A 117 -7.79 6.12 -6.97
C ALA A 117 -7.97 5.73 -5.52
N VAL A 118 -9.22 5.54 -5.08
CA VAL A 118 -9.49 5.18 -3.68
C VAL A 118 -9.70 3.67 -3.46
N ARG A 119 -9.09 2.85 -4.32
CA ARG A 119 -9.12 1.40 -4.19
C ARG A 119 -7.70 0.88 -4.26
N PRO A 120 -6.96 0.97 -3.16
CA PRO A 120 -5.53 0.74 -3.17
C PRO A 120 -5.10 -0.72 -3.13
N PHE A 121 -6.01 -1.63 -2.82
CA PHE A 121 -5.66 -3.05 -2.69
C PHE A 121 -6.18 -3.79 -3.90
N VAL A 122 -5.57 -3.50 -5.02
CA VAL A 122 -5.79 -4.24 -6.23
C VAL A 122 -4.48 -4.96 -6.51
N GLU A 123 -4.59 -6.17 -7.04
CA GLU A 123 -3.41 -7.01 -7.26
C GLU A 123 -3.47 -7.71 -8.64
N GLU A 124 -2.34 -8.25 -9.05
CA GLU A 124 -2.15 -8.76 -10.40
C GLU A 124 -3.20 -9.81 -10.78
N GLY A 125 -3.62 -10.60 -9.80
CA GLY A 125 -4.61 -11.63 -10.03
C GLY A 125 -5.89 -11.12 -10.64
N VAL A 126 -6.63 -10.29 -9.90
CA VAL A 126 -7.92 -9.80 -10.39
C VAL A 126 -7.75 -9.00 -11.68
N LEU A 127 -6.65 -8.27 -11.78
CA LEU A 127 -6.36 -7.53 -13.01
C LEU A 127 -6.22 -8.45 -14.22
N LEU A 128 -5.46 -9.54 -14.05
CA LEU A 128 -5.27 -10.49 -15.14
C LEU A 128 -6.62 -11.06 -15.58
N LYS A 129 -7.45 -11.43 -14.61
CA LYS A 129 -8.77 -11.98 -14.88
C LYS A 129 -9.67 -11.05 -15.66
N VAL A 130 -9.68 -9.74 -15.33
CA VAL A 130 -10.56 -8.81 -16.04
C VAL A 130 -9.99 -8.43 -17.42
N VAL A 131 -8.67 -8.34 -17.52
CA VAL A 131 -8.04 -8.11 -18.82
C VAL A 131 -8.34 -9.28 -19.77
N THR A 132 -8.19 -10.50 -19.27
CA THR A 132 -8.45 -11.70 -20.04
C THR A 132 -9.92 -11.83 -20.45
N ALA A 133 -10.83 -11.59 -19.52
CA ALA A 133 -12.27 -11.63 -19.86
C ALA A 133 -12.66 -10.55 -20.89
N ALA A 134 -11.95 -9.42 -20.88
CA ALA A 134 -12.27 -8.29 -21.75
C ALA A 134 -11.80 -8.54 -23.18
N LYS A 135 -10.67 -9.23 -23.36
CA LYS A 135 -10.24 -9.66 -24.70
C LYS A 135 -11.31 -10.53 -25.34
N GLU A 136 -11.78 -11.51 -24.59
CA GLU A 136 -12.76 -12.47 -25.09
C GLU A 136 -14.15 -11.85 -25.29
N HIS A 137 -14.53 -10.86 -24.47
CA HIS A 137 -15.89 -10.31 -24.50
C HIS A 137 -16.02 -8.83 -24.90
N GLY A 138 -14.92 -8.10 -24.93
CA GLY A 138 -14.98 -6.64 -25.17
C GLY A 138 -14.96 -5.80 -23.91
N ALA A 139 -15.59 -6.29 -22.86
CA ALA A 139 -15.69 -5.57 -21.60
C ALA A 139 -15.76 -6.57 -20.45
N ALA A 140 -15.30 -6.15 -19.28
CA ALA A 140 -15.34 -7.00 -18.10
C ALA A 140 -15.23 -6.16 -16.83
N GLY A 141 -15.85 -6.65 -15.76
CA GLY A 141 -15.83 -5.94 -14.47
C GLY A 141 -15.85 -6.87 -13.28
N ALA A 142 -15.16 -6.44 -12.21
CA ALA A 142 -15.21 -7.16 -10.94
C ALA A 142 -16.54 -6.91 -10.22
N ILE A 143 -17.14 -7.97 -9.66
CA ILE A 143 -18.38 -7.85 -8.87
C ILE A 143 -18.24 -8.48 -7.49
N ARG A 144 -19.15 -8.08 -6.59
CA ARG A 144 -19.21 -8.57 -5.23
C ARG A 144 -20.69 -8.85 -4.91
N PRO A 145 -20.96 -9.72 -3.94
CA PRO A 145 -22.33 -9.86 -3.50
C PRO A 145 -22.76 -8.61 -2.72
N LEU A 146 -24.07 -8.39 -2.68
CA LEU A 146 -24.65 -7.34 -1.85
C LEU A 146 -24.76 -7.82 -0.41
N VAL A 147 -24.38 -6.94 0.52
CA VAL A 147 -24.57 -7.20 1.95
C VAL A 147 -25.91 -6.64 2.42
N SER A 148 -26.31 -5.48 1.90
CA SER A 148 -27.56 -4.83 2.28
C SER A 148 -28.61 -4.99 1.18
N THR A 149 -29.87 -5.02 1.57
CA THR A 149 -30.96 -5.01 0.61
C THR A 149 -31.05 -3.62 0.00
N VAL A 150 -31.37 -3.57 -1.30
CA VAL A 150 -31.52 -2.32 -2.01
C VAL A 150 -32.99 -1.99 -2.15
N VAL A 151 -33.34 -0.73 -1.92
CA VAL A 151 -34.73 -0.27 -1.95
C VAL A 151 -34.87 1.00 -2.77
N SER A 152 -36.09 1.25 -3.22
CA SER A 152 -36.42 2.46 -3.98
C SER A 152 -37.39 3.29 -3.17
N PRO A 153 -37.02 4.55 -2.84
CA PRO A 153 -37.92 5.44 -2.11
C PRO A 153 -38.92 6.14 -3.03
N SER A 154 -40.06 6.52 -2.48
CA SER A 154 -41.02 7.36 -3.17
C SER A 154 -40.63 8.82 -2.90
N ALA A 155 -41.30 9.75 -3.59
CA ALA A 155 -41.01 11.18 -3.44
C ALA A 155 -41.11 11.64 -1.99
N ASP A 156 -42.11 11.14 -1.25
CA ASP A 156 -42.27 11.47 0.17
C ASP A 156 -41.38 10.64 1.11
N GLY A 157 -40.38 9.94 0.56
CA GLY A 157 -39.40 9.20 1.36
C GLY A 157 -39.95 7.97 2.04
N CYS A 158 -40.82 7.24 1.35
CA CYS A 158 -41.35 5.97 1.86
C CYS A 158 -41.00 4.82 0.92
N LEU A 159 -41.06 3.61 1.46
CA LEU A 159 -40.67 2.43 0.71
C LEU A 159 -41.58 2.22 -0.48
N ASP A 160 -41.00 2.19 -1.67
CA ASP A 160 -41.74 1.96 -2.90
C ASP A 160 -41.66 0.49 -3.24
N TYR A 161 -40.44 -0.03 -3.36
CA TYR A 161 -40.21 -1.47 -3.53
C TYR A 161 -38.81 -1.85 -3.04
N SER A 162 -38.59 -3.16 -2.87
CA SER A 162 -37.29 -3.75 -2.54
C SER A 162 -36.82 -4.64 -3.66
N LEU A 163 -35.51 -4.74 -3.85
CA LEU A 163 -34.98 -5.57 -4.90
C LEU A 163 -34.53 -6.90 -4.33
N GLU A 164 -34.66 -7.94 -5.13
CA GLU A 164 -34.25 -9.27 -4.75
C GLU A 164 -32.73 -9.29 -4.68
N ARG A 165 -32.21 -9.51 -3.49
CA ARG A 165 -30.77 -9.47 -3.23
C ARG A 165 -30.00 -10.50 -4.07
N ALA A 166 -30.56 -11.70 -4.20
CA ALA A 166 -29.87 -12.80 -4.91
C ALA A 166 -29.75 -12.62 -6.43
N ARG A 167 -30.55 -11.72 -7.02
CA ARG A 167 -30.49 -11.48 -8.46
C ARG A 167 -29.62 -10.26 -8.81
N HIS A 168 -28.98 -9.65 -7.81
CA HIS A 168 -28.15 -8.47 -8.06
C HIS A 168 -26.77 -8.58 -7.41
N ARG A 169 -25.85 -7.77 -7.92
CA ARG A 169 -24.49 -7.72 -7.44
C ARG A 169 -24.04 -6.28 -7.37
N ALA A 170 -23.01 -6.02 -6.58
CA ALA A 170 -22.39 -4.71 -6.59
C ALA A 170 -21.25 -4.74 -7.58
N SER A 171 -21.27 -3.78 -8.50
CA SER A 171 -20.19 -3.59 -9.47
C SER A 171 -19.05 -2.88 -8.77
N GLU A 172 -17.85 -3.41 -8.95
CA GLU A 172 -16.62 -2.85 -8.35
C GLU A 172 -15.53 -2.72 -9.41
N MET A 173 -14.39 -2.16 -9.03
CA MET A 173 -13.27 -2.04 -9.93
C MET A 173 -12.30 -3.14 -9.51
N PRO A 174 -11.38 -3.53 -10.40
CA PRO A 174 -11.10 -2.99 -11.71
C PRO A 174 -12.05 -3.49 -12.79
N GLN A 175 -12.12 -2.70 -13.85
CA GLN A 175 -12.82 -3.05 -15.06
C GLN A 175 -11.81 -2.98 -16.17
N ALA A 176 -12.11 -3.64 -17.27
CA ALA A 176 -11.21 -3.61 -18.42
C ALA A 176 -11.99 -3.69 -19.69
N PHE A 177 -11.49 -3.04 -20.72
CA PHE A 177 -12.17 -2.99 -22.00
C PHE A 177 -11.19 -3.13 -23.12
N LEU A 178 -11.62 -3.79 -24.20
CA LEU A 178 -11.00 -3.59 -25.50
C LEU A 178 -11.09 -2.10 -25.77
N PHE A 179 -9.95 -1.48 -26.06
CA PHE A 179 -9.89 -0.03 -26.16
C PHE A 179 -10.89 0.56 -27.16
N ASP A 180 -10.96 -0.03 -28.36
CA ASP A 180 -11.80 0.52 -29.44
C ASP A 180 -13.26 0.51 -29.06
N VAL A 181 -13.69 -0.56 -28.40
CA VAL A 181 -15.06 -0.65 -27.92
C VAL A 181 -15.38 0.52 -26.97
N ILE A 182 -14.61 0.68 -25.90
CA ILE A 182 -14.95 1.66 -24.88
C ILE A 182 -14.75 3.08 -25.39
N TYR A 183 -13.75 3.27 -26.24
CA TYR A 183 -13.50 4.59 -26.81
C TYR A 183 -14.66 4.99 -27.72
N GLU A 184 -15.15 4.03 -28.49
CA GLU A 184 -16.27 4.23 -29.38
C GLU A 184 -17.52 4.50 -28.57
N ALA A 185 -17.66 3.82 -27.44
CA ALA A 185 -18.80 4.04 -26.57
C ALA A 185 -18.82 5.48 -26.07
N TYR A 186 -17.68 5.97 -25.60
CA TYR A 186 -17.57 7.35 -25.12
C TYR A 186 -17.83 8.36 -26.23
N GLN A 187 -17.46 8.00 -27.46
CA GLN A 187 -17.68 8.92 -28.58
C GLN A 187 -19.14 9.03 -28.99
N GLN A 188 -19.91 7.96 -28.80
CA GLN A 188 -21.35 7.97 -29.04
C GLN A 188 -22.19 8.41 -27.85
N CYS A 189 -21.57 8.54 -26.67
CA CYS A 189 -22.31 8.73 -25.41
C CYS A 189 -23.01 10.10 -25.35
N SER A 190 -24.29 10.09 -24.99
CA SER A 190 -25.03 11.34 -24.81
C SER A 190 -24.43 12.12 -23.66
N ASP A 191 -24.57 13.44 -23.71
CA ASP A 191 -24.05 14.28 -22.64
C ASP A 191 -24.81 14.09 -21.33
N TYR A 192 -26.05 13.63 -21.42
CA TYR A 192 -26.83 13.29 -20.24
C TYR A 192 -26.17 12.12 -19.51
N ASP A 193 -25.87 11.06 -20.26
CA ASP A 193 -25.15 9.90 -19.71
C ASP A 193 -23.74 10.23 -19.22
N LEU A 194 -23.03 11.12 -19.90
CA LEU A 194 -21.73 11.59 -19.41
C LEU A 194 -21.86 12.32 -18.07
N GLU A 195 -23.00 12.99 -17.89
CA GLU A 195 -23.22 13.72 -16.66
C GLU A 195 -23.66 12.76 -15.54
N PHE A 196 -24.63 11.88 -15.81
CA PHE A 196 -25.30 11.13 -14.75
C PHE A 196 -24.94 9.63 -14.68
N GLY A 197 -24.23 9.12 -15.66
CA GLY A 197 -23.80 7.71 -15.61
C GLY A 197 -22.76 7.43 -14.53
N THR A 198 -22.83 6.24 -13.94
CA THR A 198 -21.89 5.80 -12.90
C THR A 198 -21.08 4.57 -13.29
N GLU A 199 -21.38 3.99 -14.45
CA GLU A 199 -20.99 2.61 -14.77
C GLU A 199 -20.50 2.46 -16.21
N CYS A 200 -19.18 2.39 -16.41
CA CYS A 200 -18.63 2.21 -17.76
C CYS A 200 -19.17 1.00 -18.51
N LEU A 201 -19.42 -0.08 -17.79
CA LEU A 201 -19.92 -1.30 -18.42
C LEU A 201 -21.33 -1.08 -19.02
N GLN A 202 -22.07 -0.12 -18.48
CA GLN A 202 -23.41 0.21 -19.00
C GLN A 202 -23.26 1.02 -20.28
N LEU A 203 -22.21 1.84 -20.36
CA LEU A 203 -21.90 2.54 -21.59
C LEU A 203 -21.64 1.57 -22.72
N ALA A 204 -20.79 0.59 -22.46
CA ALA A 204 -20.43 -0.39 -23.47
C ALA A 204 -21.67 -1.16 -23.92
N LEU A 205 -22.52 -1.53 -22.97
CA LEU A 205 -23.76 -2.22 -23.31
C LEU A 205 -24.73 -1.36 -24.16
N LYS A 206 -24.92 -0.09 -23.80
CA LYS A 206 -25.91 0.76 -24.48
C LYS A 206 -25.45 1.25 -25.87
N TYR A 207 -24.19 1.65 -25.98
CA TYR A 207 -23.67 2.28 -27.20
C TYR A 207 -22.81 1.36 -28.09
N CYS A 208 -22.54 0.13 -27.66
CA CYS A 208 -21.81 -0.83 -28.50
C CYS A 208 -22.35 -2.26 -28.45
N CYS A 209 -23.51 -2.45 -27.81
CA CYS A 209 -24.06 -3.80 -27.61
C CYS A 209 -22.96 -4.78 -27.20
N THR A 210 -22.21 -4.40 -26.16
CA THR A 210 -21.18 -5.24 -25.57
C THR A 210 -21.64 -5.66 -24.19
N LYS A 211 -21.92 -6.95 -24.01
CA LYS A 211 -22.34 -7.48 -22.71
C LYS A 211 -21.10 -7.88 -21.90
N ALA A 212 -20.78 -7.09 -20.87
CA ALA A 212 -19.55 -7.31 -20.11
C ALA A 212 -19.58 -8.62 -19.34
N LYS A 213 -18.41 -9.25 -19.23
CA LYS A 213 -18.25 -10.42 -18.37
C LYS A 213 -18.04 -9.99 -16.92
N LEU A 214 -18.84 -10.54 -16.01
CA LEU A 214 -18.74 -10.25 -14.59
C LEU A 214 -17.85 -11.26 -13.86
N VAL A 215 -16.73 -10.78 -13.35
CA VAL A 215 -15.76 -11.61 -12.66
C VAL A 215 -15.92 -11.44 -11.14
N GLU A 216 -15.80 -12.52 -10.39
CA GLU A 216 -15.93 -12.46 -8.93
C GLU A 216 -14.68 -11.86 -8.33
N GLY A 217 -14.84 -10.88 -7.45
CA GLY A 217 -13.71 -10.21 -6.81
C GLY A 217 -13.58 -10.48 -5.33
N SER A 218 -12.45 -10.10 -4.75
CA SER A 218 -12.22 -10.31 -3.32
C SER A 218 -12.82 -9.17 -2.48
N PRO A 219 -12.95 -9.39 -1.16
CA PRO A 219 -13.41 -8.31 -0.28
C PRO A 219 -12.47 -7.09 -0.25
N ASP A 220 -11.20 -7.28 -0.61
CA ASP A 220 -10.19 -6.21 -0.70
C ASP A 220 -10.47 -5.10 -1.74
N LEU A 221 -11.36 -5.34 -2.70
CA LEU A 221 -11.59 -4.38 -3.78
C LEU A 221 -12.43 -3.12 -3.43
N TRP A 222 -12.96 -3.05 -2.22
CA TRP A 222 -13.88 -1.98 -1.84
C TRP A 222 -13.29 -0.57 -1.94
N LYS A 223 -14.17 0.41 -2.09
CA LYS A 223 -13.70 1.76 -2.18
C LYS A 223 -13.68 2.48 -0.83
N VAL A 224 -12.58 3.19 -0.60
CA VAL A 224 -12.42 3.98 0.60
C VAL A 224 -13.26 5.25 0.46
N THR A 225 -14.37 5.29 1.18
CA THR A 225 -15.32 6.42 1.12
C THR A 225 -15.44 7.18 2.45
N TYR A 226 -15.38 6.45 3.57
CA TYR A 226 -15.65 7.04 4.88
C TYR A 226 -14.43 6.96 5.76
N LYS A 227 -14.50 7.63 6.91
CA LYS A 227 -13.44 7.58 7.90
C LYS A 227 -13.17 6.12 8.31
N ARG A 228 -14.21 5.36 8.57
CA ARG A 228 -14.02 3.97 8.96
C ARG A 228 -13.29 3.13 7.91
N ASP A 229 -13.43 3.48 6.62
CA ASP A 229 -12.66 2.81 5.55
C ASP A 229 -11.18 3.19 5.62
N LEU A 230 -10.89 4.45 5.93
CA LEU A 230 -9.51 4.86 6.18
C LEU A 230 -8.88 4.08 7.32
N TYR A 231 -9.61 3.86 8.42
CA TYR A 231 -9.11 3.02 9.53
C TYR A 231 -8.79 1.63 9.05
N ALA A 232 -9.74 1.00 8.38
CA ALA A 232 -9.54 -0.35 7.87
C ALA A 232 -8.31 -0.42 6.97
N ALA A 233 -8.19 0.51 6.03
CA ALA A 233 -7.08 0.53 5.09
C ALA A 233 -5.71 0.73 5.76
N GLU A 234 -5.65 1.62 6.73
CA GLU A 234 -4.46 1.78 7.54
C GLU A 234 -4.03 0.45 8.16
N SER A 235 -4.99 -0.28 8.74
CA SER A 235 -4.69 -1.55 9.40
C SER A 235 -4.16 -2.57 8.44
N ILE A 236 -4.77 -2.65 7.26
CA ILE A 236 -4.34 -3.62 6.27
C ILE A 236 -2.94 -3.28 5.79
N ILE A 237 -2.68 -2.00 5.59
CA ILE A 237 -1.35 -1.55 5.19
C ILE A 237 -0.31 -1.95 6.24
N LYS A 238 -0.59 -1.66 7.51
CA LYS A 238 0.35 -1.96 8.59
C LYS A 238 0.55 -3.45 8.78
N GLU A 239 -0.48 -4.23 8.58
CA GLU A 239 -0.34 -5.66 8.62
C GLU A 239 0.58 -6.17 7.52
N ARG A 240 0.37 -5.71 6.29
CA ARG A 240 1.18 -6.19 5.18
C ARG A 240 2.65 -5.82 5.30
N ILE A 241 2.97 -4.65 5.83
CA ILE A 241 4.39 -4.33 6.04
C ILE A 241 4.97 -4.90 7.35
N SER A 242 4.23 -5.76 8.05
CA SER A 242 4.67 -6.39 9.28
C SER A 242 5.18 -7.80 9.04
N GLN A 243 5.15 -8.27 7.80
CA GLN A 243 5.39 -9.67 7.53
C GLN A 243 6.84 -9.99 7.21
N GLU A 244 7.72 -9.00 7.29
CA GLU A 244 9.12 -9.22 7.00
C GLU A 244 10.03 -8.41 7.92
N ILE A 245 11.04 -9.09 8.47
CA ILE A 245 11.99 -8.46 9.37
C ILE A 245 13.42 -8.81 8.95
N CYS A 246 14.30 -7.83 8.92
CA CYS A 246 15.71 -8.08 8.69
C CYS A 246 16.52 -7.84 9.97
N VAL A 247 17.12 -8.92 10.51
CA VAL A 247 18.08 -8.80 11.61
C VAL A 247 19.49 -8.49 11.06
N VAL A 248 20.09 -7.41 11.55
CA VAL A 248 21.35 -6.89 11.04
C VAL A 248 22.44 -6.95 12.10
N MET A 249 23.64 -7.44 11.74
CA MET A 249 24.74 -7.62 12.71
C MET A 249 26.14 -7.44 12.12
N ASP A 250 27.10 -7.19 13.00
CA ASP A 250 28.54 -7.11 12.67
C ASP A 250 29.06 -8.44 12.16
N THR A 251 30.31 -8.44 11.72
CA THR A 251 30.99 -9.69 11.35
C THR A 251 31.56 -10.37 12.59
N GLU A 252 31.79 -9.59 13.64
CA GLU A 252 32.19 -10.13 14.94
C GLU A 252 31.39 -11.36 15.30
N GLU A 253 32.06 -12.45 15.66
CA GLU A 253 31.39 -13.71 15.97
C GLU A 253 30.41 -13.62 17.14
N ASP A 254 30.66 -12.72 18.09
CA ASP A 254 29.76 -12.55 19.23
C ASP A 254 28.44 -11.99 18.76
N ASN A 255 28.50 -10.90 18.00
CA ASN A 255 27.33 -10.25 17.44
C ASN A 255 26.54 -11.16 16.50
N LYS A 256 27.23 -11.96 15.67
CA LYS A 256 26.55 -12.86 14.74
C LYS A 256 25.73 -13.90 15.48
N HIS A 257 26.27 -14.38 16.60
CA HIS A 257 25.59 -15.41 17.36
C HIS A 257 24.31 -14.92 18.07
N VAL A 258 24.37 -13.74 18.72
CA VAL A 258 23.18 -13.18 19.38
C VAL A 258 22.17 -12.69 18.34
N GLY A 259 22.68 -12.15 17.24
CA GLY A 259 21.82 -11.76 16.12
C GLY A 259 21.09 -12.95 15.55
N HIS A 260 21.83 -14.02 15.25
CA HIS A 260 21.20 -15.23 14.74
C HIS A 260 20.31 -15.85 15.80
N LEU A 261 20.70 -15.76 17.07
CA LEU A 261 19.89 -16.31 18.15
C LEU A 261 18.50 -15.66 18.15
N LEU A 262 18.51 -14.34 18.07
CA LEU A 262 17.28 -13.56 18.03
C LEU A 262 16.48 -13.84 16.77
N GLU A 263 17.15 -13.89 15.62
CA GLU A 263 16.49 -14.28 14.36
C GLU A 263 15.66 -15.54 14.56
N GLU A 264 16.27 -16.57 15.14
CA GLU A 264 15.61 -17.87 15.29
C GLU A 264 14.37 -17.80 16.17
N VAL A 265 14.41 -16.97 17.21
CA VAL A 265 13.29 -16.88 18.14
C VAL A 265 12.18 -16.05 17.52
N LEU A 266 12.54 -15.00 16.79
CA LEU A 266 11.55 -14.27 15.99
C LEU A 266 10.82 -15.19 14.99
N LYS A 267 11.55 -16.04 14.28
CA LYS A 267 10.93 -17.02 13.35
C LYS A 267 9.91 -17.90 14.03
N SER A 268 10.30 -18.51 15.15
CA SER A 268 9.43 -19.45 15.83
C SER A 268 8.24 -18.78 16.56
N GLU A 269 8.46 -17.61 17.17
CA GLU A 269 7.37 -16.91 17.88
C GLU A 269 6.40 -16.19 16.94
N LEU A 270 6.90 -15.64 15.84
CA LEU A 270 6.08 -14.90 14.90
C LEU A 270 5.82 -15.77 13.67
N ASN A 271 4.79 -16.59 13.79
CA ASN A 271 4.38 -17.46 12.69
C ASN A 271 3.93 -16.59 11.52
N HIS A 272 4.20 -17.05 10.31
CA HIS A 272 3.80 -16.35 9.08
C HIS A 272 4.57 -15.04 8.89
N VAL A 273 5.75 -14.92 9.50
CA VAL A 273 6.64 -13.78 9.26
C VAL A 273 7.94 -14.26 8.62
N LYS A 274 8.34 -13.61 7.55
CA LYS A 274 9.60 -13.91 6.87
C LYS A 274 10.73 -13.16 7.56
N VAL A 275 11.63 -13.90 8.19
CA VAL A 275 12.75 -13.31 8.93
C VAL A 275 14.08 -13.67 8.26
N THR A 276 14.93 -12.68 8.05
CA THR A 276 16.25 -12.88 7.46
C THR A 276 17.29 -12.11 8.26
N SER A 277 18.56 -12.46 8.08
CA SER A 277 19.66 -11.80 8.76
C SER A 277 20.74 -11.41 7.77
N GLU A 278 21.21 -10.17 7.86
CA GLU A 278 22.25 -9.66 6.99
C GLU A 278 23.44 -9.16 7.82
N ALA A 279 24.64 -9.28 7.25
CA ALA A 279 25.88 -8.82 7.91
C ALA A 279 26.15 -7.35 7.63
N LEU A 280 27.04 -6.75 8.42
CA LEU A 280 27.37 -5.32 8.28
C LEU A 280 28.66 -4.94 9.01
N ASP A 293 15.64 -3.80 -0.28
CA ASP A 293 14.96 -4.95 -0.90
C ASP A 293 13.55 -5.17 -0.33
N GLN A 294 12.77 -4.09 -0.23
CA GLN A 294 11.36 -4.13 0.20
C GLN A 294 11.11 -4.77 1.58
N CYS A 295 11.95 -4.35 2.53
CA CYS A 295 11.80 -4.70 3.95
C CYS A 295 11.72 -3.41 4.76
N TYR A 296 10.71 -3.28 5.60
CA TYR A 296 10.56 -2.03 6.35
C TYR A 296 10.77 -2.17 7.87
N ASN A 297 11.20 -3.35 8.31
CA ASN A 297 11.47 -3.59 9.72
C ASN A 297 12.87 -4.16 9.94
N PHE A 298 13.67 -3.44 10.72
CA PHE A 298 15.05 -3.82 10.98
C PHE A 298 15.30 -3.99 12.46
N VAL A 299 16.00 -5.07 12.80
CA VAL A 299 16.42 -5.34 14.16
C VAL A 299 17.95 -5.35 14.18
N CYS A 300 18.54 -4.32 14.75
CA CYS A 300 19.98 -4.18 14.78
C CYS A 300 20.49 -4.70 16.11
N VAL A 301 21.40 -5.66 16.08
CA VAL A 301 21.82 -6.37 17.29
C VAL A 301 23.28 -6.16 17.68
N ASN A 302 23.51 -5.88 18.97
CA ASN A 302 24.83 -5.56 19.49
C ASN A 302 25.08 -6.11 20.91
N VAL A 303 26.22 -6.78 21.09
CA VAL A 303 26.70 -7.23 22.41
C VAL A 303 27.94 -6.47 22.84
N THR A 304 28.84 -6.25 21.88
CA THR A 304 30.23 -5.93 22.13
C THR A 304 30.53 -4.46 22.48
N THR A 305 29.50 -3.62 22.54
CA THR A 305 29.66 -2.22 22.97
C THR A 305 28.44 -1.75 23.73
N SER A 306 28.63 -0.67 24.51
CA SER A 306 27.53 0.01 25.18
C SER A 306 27.05 1.17 24.30
N ASP A 307 27.28 1.05 23.00
CA ASP A 307 27.11 2.14 22.04
C ASP A 307 26.35 1.64 20.80
N PHE A 308 26.15 2.56 19.84
CA PHE A 308 25.29 2.34 18.69
C PHE A 308 26.04 2.39 17.36
N GLN A 309 27.25 1.85 17.31
CA GLN A 309 28.07 1.88 16.08
C GLN A 309 27.37 1.16 14.93
N GLU A 310 26.86 -0.04 15.20
CA GLU A 310 26.15 -0.80 14.21
C GLU A 310 24.83 -0.14 13.80
N THR A 311 24.08 0.35 14.80
CA THR A 311 22.81 1.02 14.56
C THR A 311 23.02 2.33 13.76
N GLN A 312 24.06 3.10 14.11
CA GLN A 312 24.39 4.33 13.37
C GLN A 312 24.67 4.04 11.88
N LYS A 313 25.44 3.00 11.60
CA LYS A 313 25.67 2.58 10.21
C LYS A 313 24.36 2.30 9.50
N LEU A 314 23.50 1.51 10.14
CA LEU A 314 22.23 1.15 9.53
C LEU A 314 21.36 2.37 9.27
N LEU A 315 21.32 3.29 10.21
CA LEU A 315 20.50 4.49 10.06
C LEU A 315 20.98 5.36 8.91
N SER A 316 22.28 5.60 8.85
CA SER A 316 22.84 6.42 7.78
C SER A 316 22.52 5.79 6.43
N MET A 317 22.58 4.46 6.38
CA MET A 317 22.22 3.71 5.17
C MET A 317 20.75 3.87 4.80
N LEU A 318 19.87 4.05 5.80
CA LEU A 318 18.43 4.26 5.57
C LEU A 318 18.04 5.71 5.38
N GLU A 319 18.79 6.64 5.97
CA GLU A 319 18.50 8.09 5.82
C GLU A 319 18.63 8.55 4.38
N GLU A 320 19.49 7.87 3.64
CA GLU A 320 19.68 8.07 2.21
C GLU A 320 18.50 7.50 1.42
N SER A 321 18.12 6.27 1.77
CA SER A 321 17.22 5.42 0.97
C SER A 321 15.77 5.92 0.78
N SER A 322 15.12 5.33 -0.23
CA SER A 322 13.71 5.60 -0.55
C SER A 322 12.76 4.60 0.14
N LEU A 323 13.30 3.70 0.94
CA LEU A 323 12.45 2.85 1.78
C LEU A 323 11.61 3.75 2.68
N CYS A 324 12.26 4.76 3.26
CA CYS A 324 11.62 5.67 4.19
C CYS A 324 10.61 6.60 3.56
N ILE A 325 10.66 6.72 2.25
CA ILE A 325 9.71 7.54 1.55
C ILE A 325 8.38 6.81 1.50
N LEU A 326 8.41 5.51 1.20
CA LEU A 326 7.18 4.74 0.96
C LEU A 326 6.37 4.39 2.21
N TYR A 327 7.05 3.95 3.25
CA TYR A 327 6.43 3.59 4.52
C TYR A 327 7.34 4.05 5.68
N PRO A 328 6.77 4.29 6.87
CA PRO A 328 7.64 4.51 8.04
C PRO A 328 8.44 3.25 8.31
N VAL A 329 9.75 3.38 8.46
CA VAL A 329 10.62 2.24 8.73
C VAL A 329 10.86 2.11 10.23
N VAL A 330 10.61 0.91 10.76
CA VAL A 330 10.87 0.60 12.16
C VAL A 330 12.28 0.02 12.36
N VAL A 331 13.03 0.60 13.28
CA VAL A 331 14.35 0.10 13.63
C VAL A 331 14.38 -0.15 15.12
N VAL A 332 14.59 -1.40 15.50
CA VAL A 332 14.80 -1.74 16.90
C VAL A 332 16.27 -2.04 17.17
N SER A 333 16.92 -1.14 17.89
CA SER A 333 18.31 -1.32 18.32
C SER A 333 18.35 -2.15 19.57
N VAL A 334 18.89 -3.36 19.47
CA VAL A 334 18.84 -4.35 20.52
C VAL A 334 20.23 -4.53 21.14
N HIS A 335 20.32 -4.43 22.46
CA HIS A 335 21.58 -4.63 23.15
C HIS A 335 21.49 -5.75 24.16
N PHE A 336 22.30 -6.79 23.94
CA PHE A 336 22.49 -7.85 24.92
C PHE A 336 23.56 -7.36 25.89
N LEU A 337 23.22 -7.33 27.18
CA LEU A 337 24.09 -6.78 28.22
C LEU A 337 23.99 -7.57 29.51
N ASP A 338 25.10 -7.65 30.24
CA ASP A 338 25.13 -8.26 31.59
C ASP A 338 24.49 -7.34 32.63
N PHE A 339 23.41 -7.81 33.25
CA PHE A 339 22.79 -7.12 34.38
C PHE A 339 21.71 -7.98 35.02
N LYS A 340 21.47 -7.79 36.32
CA LYS A 340 20.43 -8.55 37.05
C LYS A 340 19.03 -8.00 36.74
N LEU A 341 18.70 -6.82 37.29
CA LEU A 341 17.42 -6.16 37.02
C LEU A 341 17.61 -4.84 36.27
N VAL A 342 18.58 -4.04 36.72
CA VAL A 342 18.93 -2.78 36.08
C VAL A 342 20.41 -2.80 35.70
N PRO A 343 20.74 -2.31 34.49
CA PRO A 343 22.16 -2.22 34.15
C PRO A 343 22.85 -1.06 34.88
N PRO A 344 24.18 -1.16 35.07
CA PRO A 344 24.91 -0.11 35.80
C PRO A 344 24.61 1.28 35.27
N SER A 345 24.63 2.27 36.16
CA SER A 345 24.24 3.64 35.83
C SER A 345 25.01 4.23 34.64
N GLN A 346 26.33 4.07 34.64
CA GLN A 346 27.17 4.70 33.60
C GLN A 346 26.93 4.12 32.19
N LYS A 347 26.65 2.81 32.12
CA LYS A 347 26.34 2.14 30.84
C LYS A 347 24.97 2.61 30.35
N MET A 348 24.02 2.70 31.28
CA MET A 348 22.69 3.23 30.98
C MET A 348 22.75 4.66 30.46
N GLU A 349 23.64 5.49 30.99
CA GLU A 349 23.86 6.84 30.46
C GLU A 349 24.24 6.86 28.97
N ASN A 350 25.02 5.87 28.54
CA ASN A 350 25.48 5.79 27.14
C ASN A 350 24.33 5.37 26.23
N LEU A 351 23.55 4.39 26.69
CA LEU A 351 22.40 3.89 25.95
C LEU A 351 21.33 4.96 25.70
N MET A 352 21.29 6.00 26.53
CA MET A 352 20.30 7.05 26.37
C MET A 352 20.55 8.00 25.19
N GLN A 353 21.67 7.84 24.49
CA GLN A 353 21.87 8.51 23.19
C GLN A 353 20.80 8.12 22.17
N ILE A 354 20.16 6.95 22.39
CA ILE A 354 19.02 6.50 21.58
C ILE A 354 17.96 7.60 21.42
N ARG A 355 17.73 8.39 22.47
CA ARG A 355 16.70 9.43 22.43
C ARG A 355 17.02 10.45 21.35
N GLU A 356 18.31 10.82 21.28
CA GLU A 356 18.77 11.84 20.34
C GLU A 356 18.70 11.34 18.92
N PHE A 357 19.20 10.13 18.70
CA PHE A 357 19.12 9.54 17.37
C PHE A 357 17.67 9.43 16.91
N ALA A 358 16.78 8.99 17.80
CA ALA A 358 15.39 8.79 17.42
C ALA A 358 14.76 10.08 16.96
N LYS A 359 15.04 11.16 17.70
CA LYS A 359 14.53 12.49 17.36
C LYS A 359 14.98 12.93 15.95
N GLU A 360 16.23 12.65 15.61
CA GLU A 360 16.80 13.05 14.32
C GLU A 360 16.21 12.25 13.18
N VAL A 361 16.18 10.93 13.31
CA VAL A 361 15.74 10.09 12.21
C VAL A 361 14.22 10.07 12.03
N LYS A 362 13.48 10.49 13.05
CA LYS A 362 12.03 10.65 12.93
C LYS A 362 11.72 11.57 11.76
N GLU A 363 12.56 12.58 11.55
CA GLU A 363 12.37 13.54 10.45
C GLU A 363 12.46 12.90 9.07
N ARG A 364 13.18 11.78 8.98
CA ARG A 364 13.30 11.03 7.75
C ARG A 364 12.39 9.81 7.73
N ASN A 365 11.32 9.83 8.53
CA ASN A 365 10.34 8.75 8.58
C ASN A 365 10.86 7.39 9.11
N ILE A 366 11.83 7.45 10.02
CA ILE A 366 12.31 6.25 10.68
C ILE A 366 11.92 6.27 12.16
N LEU A 367 11.40 5.15 12.63
CA LEU A 367 10.93 5.01 14.01
C LEU A 367 11.93 4.16 14.76
N LEU A 368 12.72 4.80 15.62
CA LEU A 368 13.83 4.14 16.33
C LEU A 368 13.49 3.87 17.79
N TYR A 369 13.61 2.61 18.18
CA TYR A 369 13.35 2.16 19.53
C TYR A 369 14.55 1.37 19.99
N GLY A 370 14.67 1.23 21.31
CA GLY A 370 15.74 0.44 21.91
C GLY A 370 15.20 -0.71 22.75
N LEU A 371 15.91 -1.82 22.75
CA LEU A 371 15.54 -2.98 23.54
C LEU A 371 16.76 -3.58 24.23
N LEU A 372 16.70 -3.74 25.55
CA LEU A 372 17.80 -4.35 26.32
C LEU A 372 17.42 -5.76 26.70
N ILE A 373 18.33 -6.69 26.41
CA ILE A 373 18.13 -8.06 26.78
C ILE A 373 19.28 -8.45 27.71
N SER A 374 18.94 -9.00 28.87
CA SER A 374 19.91 -9.36 29.87
C SER A 374 20.65 -10.60 29.40
N TYR A 375 21.97 -10.57 29.44
CA TYR A 375 22.78 -11.64 28.88
C TYR A 375 24.15 -11.65 29.54
N PRO A 376 24.57 -12.81 30.08
CA PRO A 376 23.88 -14.10 30.10
C PRO A 376 22.91 -14.20 31.27
N GLN A 377 22.02 -15.19 31.20
CA GLN A 377 21.10 -15.51 32.28
C GLN A 377 21.02 -17.01 32.33
N ASP A 378 20.34 -17.54 33.35
CA ASP A 378 20.01 -18.97 33.36
C ASP A 378 19.16 -19.29 32.14
N ASP A 379 19.23 -20.54 31.70
CA ASP A 379 18.61 -20.96 30.45
C ASP A 379 17.18 -20.44 30.33
N GLN A 380 16.34 -20.78 31.31
CA GLN A 380 14.91 -20.50 31.22
C GLN A 380 14.62 -19.00 31.30
N LYS A 381 15.39 -18.27 32.10
CA LYS A 381 15.23 -16.83 32.17
C LYS A 381 15.54 -16.22 30.82
N LEU A 382 16.60 -16.70 30.16
CA LEU A 382 17.01 -16.16 28.86
C LEU A 382 15.99 -16.51 27.78
N GLN A 383 15.55 -17.76 27.74
CA GLN A 383 14.47 -18.13 26.86
C GLN A 383 13.29 -17.17 26.99
N GLU A 384 12.87 -16.90 28.22
CA GLU A 384 11.72 -16.03 28.46
C GLU A 384 11.97 -14.61 27.95
N SER A 385 13.12 -14.03 28.27
CA SER A 385 13.52 -12.74 27.75
C SER A 385 13.53 -12.69 26.22
N LEU A 386 13.91 -13.78 25.56
CA LEU A 386 13.97 -13.78 24.12
C LEU A 386 12.56 -13.75 23.55
N ARG A 387 11.66 -14.51 24.17
CA ARG A 387 10.26 -14.55 23.78
CA ARG A 387 10.28 -14.54 23.74
C ARG A 387 9.61 -13.18 23.97
N GLN A 388 9.82 -12.60 25.15
CA GLN A 388 9.32 -11.26 25.43
C GLN A 388 9.86 -10.26 24.44
N GLY A 389 11.15 -10.36 24.15
CA GLY A 389 11.78 -9.54 23.12
C GLY A 389 11.04 -9.62 21.80
N ALA A 390 10.72 -10.83 21.37
CA ALA A 390 10.02 -11.06 20.12
C ALA A 390 8.64 -10.42 20.13
N ILE A 391 7.95 -10.52 21.25
CA ILE A 391 6.62 -9.95 21.41
C ILE A 391 6.69 -8.43 21.39
N ILE A 392 7.70 -7.86 22.05
CA ILE A 392 7.86 -6.43 22.09
C ILE A 392 8.11 -5.89 20.68
N ILE A 393 9.02 -6.55 19.97
CA ILE A 393 9.38 -6.15 18.63
C ILE A 393 8.16 -6.23 17.70
N ALA A 394 7.45 -7.34 17.75
CA ALA A 394 6.20 -7.51 16.98
C ALA A 394 5.21 -6.39 17.27
N SER A 395 5.09 -6.03 18.55
CA SER A 395 4.21 -4.94 18.96
C SER A 395 4.61 -3.60 18.37
N LEU A 396 5.91 -3.32 18.37
CA LEU A 396 6.37 -2.02 17.88
C LEU A 396 6.18 -1.97 16.38
N ILE A 397 6.40 -3.10 15.73
CA ILE A 397 6.17 -3.23 14.29
C ILE A 397 4.70 -3.06 13.93
N LYS A 398 3.84 -3.72 14.70
CA LYS A 398 2.41 -3.71 14.45
C LYS A 398 1.84 -2.31 14.47
N GLU A 399 2.19 -1.56 15.51
CA GLU A 399 1.55 -0.29 15.77
C GLU A 399 2.20 0.83 14.96
N ARG A 400 3.51 0.75 14.78
CA ARG A 400 4.29 1.74 14.03
C ARG A 400 3.96 3.14 14.56
N ASN A 401 4.08 3.31 15.87
CA ASN A 401 3.59 4.50 16.54
C ASN A 401 4.75 5.40 16.91
N SER A 402 4.70 6.65 16.47
CA SER A 402 5.81 7.57 16.73
C SER A 402 5.95 7.98 18.19
N GLY A 403 4.93 7.73 19.02
CA GLY A 403 4.90 8.22 20.40
C GLY A 403 5.94 7.63 21.32
N LEU A 404 6.36 6.40 21.00
CA LEU A 404 7.31 5.66 21.82
C LEU A 404 8.76 5.60 21.27
N ILE A 405 9.03 6.36 20.23
CA ILE A 405 10.41 6.43 19.73
C ILE A 405 11.36 6.91 20.84
N GLY A 406 12.57 6.36 20.85
CA GLY A 406 13.62 6.83 21.74
C GLY A 406 13.61 6.19 23.11
N GLN A 407 12.72 5.23 23.30
CA GLN A 407 12.60 4.56 24.58
C GLN A 407 13.53 3.37 24.62
N LEU A 408 14.09 3.12 25.80
CA LEU A 408 14.86 1.90 26.05
C LEU A 408 13.99 0.90 26.75
N LEU A 409 13.54 -0.10 26.02
CA LEU A 409 12.71 -1.15 26.59
C LEU A 409 13.57 -2.30 27.10
N ILE A 410 12.98 -3.11 27.96
CA ILE A 410 13.66 -4.23 28.56
C ILE A 410 12.85 -5.50 28.35
N ALA A 411 13.53 -6.55 27.92
CA ALA A 411 12.90 -7.85 27.71
C ALA A 411 12.93 -8.73 28.96
MG MG B . -20.17 10.67 -14.78
C1 EDO C . 7.73 3.94 -6.15
O1 EDO C . 8.11 2.57 -6.34
C2 EDO C . 6.25 4.04 -5.81
O2 EDO C . 5.48 3.45 -6.86
CL CL D . -15.16 15.30 -22.48
#